data_3ICF
#
_entry.id   3ICF
#
_cell.length_a   47.194
_cell.length_b   47.194
_cell.length_c   237.096
_cell.angle_alpha   90.00
_cell.angle_beta   90.00
_cell.angle_gamma   120.00
#
_symmetry.space_group_name_H-M   'P 32'
#
loop_
_entity.id
_entity.type
_entity.pdbx_description
1 polymer 'Serine/threonine-protein phosphatase T'
2 non-polymer 'FE (III) ION'
3 non-polymer 'PHOSPHATE ION'
4 non-polymer 1,2-ETHANEDIOL
5 non-polymer 'SODIUM ION'
6 non-polymer 'CHLORIDE ION'
7 water water
#
_entity_poly.entity_id   1
_entity_poly.type   'polypeptide(L)'
_entity_poly.pdbx_seq_one_letter_code
;KNAFKGAKIKN(MSE)SQEFISK(MSE)VNDLFLKGKYLPKKYVAAIISHADTLFRQEPS(MSE)VELENNSTPDVKISV
CGDTHGQFYDVLNLFRKFGKVGPKHTYLFNGDFVDRGSWSCEVALLFYCLKILHPNNFFLNRGNHESDN(MSE)NKIYGF
EDECKYKYSQRIFN(MSE)FAQSFESLPLATLINNDYLV(MSE)HGGLPSDPSATLSDFKNIDRFAQPPRDGAF(MSE)E
LLWADPQEANG(MSE)GPSQRGLGHAFGPDITDRFLRNNKLRKIFRSHELR(MSE)GGVQFEQKGKL(MSE)TVFSAPNY
CDSQGNLGGVIHVVPGHGILQAGRNDDQNLIIETFEAVEHPDIKP(MSE)AYSNGGFGL
;
_entity_poly.pdbx_strand_id   A,B
#
# COMPACT_ATOMS: atom_id res chain seq x y z
N SER A 13 -0.50 17.66 2.79
CA SER A 13 -0.07 18.97 3.32
C SER A 13 -0.57 19.16 4.75
N GLN A 14 -0.02 20.13 5.49
CA GLN A 14 -0.56 20.47 6.83
C GLN A 14 -2.02 20.89 6.67
N GLU A 15 -2.29 21.66 5.62
CA GLU A 15 -3.66 21.94 5.21
C GLU A 15 -4.55 20.70 5.21
N PHE A 16 -4.06 19.63 4.60
CA PHE A 16 -4.88 18.41 4.47
C PHE A 16 -5.18 17.79 5.82
N ILE A 17 -4.19 17.77 6.71
CA ILE A 17 -4.37 17.25 8.06
C ILE A 17 -5.33 18.12 8.87
N SER A 18 -5.21 19.44 8.76
CA SER A 18 -6.05 20.35 9.52
C SER A 18 -7.51 20.24 9.17
N LYS A 19 -7.80 20.15 7.87
CA LYS A 19 -9.18 20.01 7.41
C LYS A 19 -9.67 18.64 7.90
N VAL A 21 -8.72 16.77 10.39
CA VAL A 21 -8.86 16.81 11.83
C VAL A 21 -10.04 17.68 12.23
N ASN A 22 -10.01 18.94 11.78
CA ASN A 22 -10.96 19.99 12.22
C ASN A 22 -12.31 19.94 11.56
N ASP A 23 -12.32 19.71 10.26
CA ASP A 23 -13.56 19.76 9.49
C ASP A 23 -14.25 18.41 9.44
N LEU A 24 -13.51 17.34 9.70
CA LEU A 24 -14.09 16.03 9.52
C LEU A 24 -14.17 15.22 10.81
N PHE A 25 -13.01 14.92 11.40
CA PHE A 25 -12.95 14.07 12.60
C PHE A 25 -13.54 14.71 13.84
N LEU A 26 -13.38 16.02 14.00
CA LEU A 26 -13.97 16.77 15.14
C LEU A 26 -15.49 16.99 15.03
N LYS A 27 -16.05 16.81 13.83
CA LYS A 27 -17.50 16.89 13.63
C LYS A 27 -18.11 15.49 13.55
N GLY A 28 -17.33 14.47 13.90
CA GLY A 28 -17.79 13.09 13.90
C GLY A 28 -18.13 12.61 12.51
N LYS A 29 -17.30 12.96 11.53
CA LYS A 29 -17.46 12.53 10.14
C LYS A 29 -16.23 11.70 9.77
N TYR A 30 -16.36 10.87 8.73
CA TYR A 30 -15.22 10.07 8.28
C TYR A 30 -14.68 10.56 6.96
N LEU A 31 -13.42 10.25 6.70
CA LEU A 31 -12.81 10.48 5.38
C LEU A 31 -13.44 9.56 4.36
N PRO A 32 -13.67 10.08 3.13
CA PRO A 32 -13.97 9.20 1.99
C PRO A 32 -13.00 8.01 1.97
N LYS A 33 -13.55 6.82 1.76
CA LYS A 33 -12.76 5.58 1.71
C LYS A 33 -11.56 5.67 0.75
N LYS A 34 -11.67 6.43 -0.33
CA LYS A 34 -10.54 6.57 -1.27
C LYS A 34 -9.31 7.27 -0.64
N TYR A 35 -9.55 8.25 0.22
CA TYR A 35 -8.44 8.90 0.93
C TYR A 35 -7.77 7.98 1.96
N VAL A 36 -8.60 7.29 2.74
CA VAL A 36 -8.13 6.33 3.75
C VAL A 36 -7.17 5.31 3.12
N ALA A 37 -7.56 4.80 1.96
CA ALA A 37 -6.80 3.77 1.29
C ALA A 37 -5.48 4.38 0.87
N ALA A 38 -5.55 5.53 0.21
CA ALA A 38 -4.36 6.25 -0.24
C ALA A 38 -3.39 6.47 0.91
N ILE A 39 -3.90 7.01 2.01
CA ILE A 39 -3.14 7.24 3.25
C ILE A 39 -2.51 5.96 3.84
N ILE A 40 -3.31 4.92 4.07
CA ILE A 40 -2.80 3.69 4.65
C ILE A 40 -1.71 3.15 3.72
N SER A 41 -1.95 3.19 2.41
CA SER A 41 -0.99 2.67 1.46
C SER A 41 0.28 3.50 1.33
N HIS A 42 0.19 4.82 1.41
CA HIS A 42 1.41 5.62 1.28
C HIS A 42 2.29 5.51 2.55
N ALA A 43 1.64 5.46 3.71
CA ALA A 43 2.31 5.21 4.98
C ALA A 43 2.98 3.81 4.98
N ASP A 44 2.19 2.79 4.66
CA ASP A 44 2.70 1.42 4.52
C ASP A 44 4.01 1.38 3.69
N THR A 45 3.97 1.90 2.48
CA THR A 45 5.16 2.03 1.65
C THR A 45 6.36 2.68 2.37
N LEU A 46 6.15 3.85 2.99
CA LEU A 46 7.18 4.54 3.79
C LEU A 46 7.85 3.66 4.87
N PHE A 47 7.04 3.13 5.79
CA PHE A 47 7.58 2.22 6.85
C PHE A 47 8.29 1.01 6.30
N ARG A 48 7.90 0.56 5.10
CA ARG A 48 8.44 -0.69 4.56
C ARG A 48 9.86 -0.46 4.08
N GLN A 49 10.19 0.81 3.81
CA GLN A 49 11.56 1.18 3.45
C GLN A 49 12.46 1.24 4.69
N GLU A 50 11.87 1.12 5.87
CA GLU A 50 12.59 1.34 7.13
C GLU A 50 13.08 0.05 7.72
N PRO A 51 14.27 0.07 8.37
CA PRO A 51 14.77 -1.16 8.99
C PRO A 51 13.97 -1.51 10.23
N SER A 52 14.06 -2.76 10.65
CA SER A 52 13.37 -3.26 11.85
C SER A 52 13.66 -2.48 13.13
N VAL A 54 14.84 1.41 13.72
CA VAL A 54 15.19 2.71 13.18
C VAL A 54 16.27 3.37 14.05
N GLU A 55 17.15 4.15 13.43
CA GLU A 55 18.21 4.84 14.20
C GLU A 55 18.20 6.34 13.98
N LEU A 56 18.07 7.06 15.09
CA LEU A 56 17.76 8.46 15.07
C LEU A 56 18.84 9.15 15.84
N GLU A 57 19.18 10.36 15.45
CA GLU A 57 20.07 11.16 16.27
C GLU A 57 19.79 12.65 16.14
N ASN A 58 19.94 13.35 17.26
CA ASN A 58 19.96 14.81 17.27
C ASN A 58 21.19 15.42 17.91
N ASN A 59 22.19 14.60 18.24
CA ASN A 59 23.49 15.15 18.69
C ASN A 59 24.02 16.15 17.68
N SER A 60 23.94 15.78 16.41
CA SER A 60 24.48 16.60 15.33
C SER A 60 23.58 17.77 14.98
N THR A 61 22.30 17.66 15.29
CA THR A 61 21.36 18.74 15.00
C THR A 61 20.84 19.28 16.32
N PRO A 62 21.57 20.25 16.91
CA PRO A 62 21.32 20.58 18.32
C PRO A 62 19.83 20.83 18.62
N ASP A 63 19.24 21.72 17.82
CA ASP A 63 17.87 22.24 18.05
C ASP A 63 16.73 21.39 17.47
N VAL A 64 16.97 20.10 17.24
CA VAL A 64 15.86 19.22 16.95
C VAL A 64 15.52 18.46 18.22
N LYS A 65 14.30 18.66 18.70
CA LYS A 65 13.82 17.98 19.88
C LYS A 65 13.30 16.62 19.43
N ILE A 66 13.68 15.54 20.12
CA ILE A 66 13.07 14.24 19.82
C ILE A 66 12.17 13.90 21.00
N SER A 67 10.89 13.70 20.73
CA SER A 67 9.94 13.29 21.75
C SER A 67 9.56 11.77 21.62
N VAL A 68 9.54 11.05 22.74
CA VAL A 68 9.06 9.72 22.75
C VAL A 68 7.71 9.66 23.52
N CYS A 69 6.68 9.08 22.90
CA CYS A 69 5.41 8.88 23.55
C CYS A 69 5.09 7.40 23.56
N GLY A 70 4.20 7.01 24.47
CA GLY A 70 3.80 5.63 24.64
C GLY A 70 2.40 5.41 24.11
N ASP A 71 1.71 4.42 24.66
CA ASP A 71 0.33 4.07 24.30
C ASP A 71 -0.61 5.29 24.20
N THR A 72 -1.51 5.25 23.22
CA THR A 72 -2.51 6.30 22.99
C THR A 72 -3.87 5.65 22.81
N HIS A 73 -3.83 4.34 22.50
CA HIS A 73 -4.98 3.42 22.45
C HIS A 73 -6.25 4.19 21.98
N GLY A 74 -6.15 4.81 20.78
CA GLY A 74 -7.27 5.47 20.11
C GLY A 74 -8.00 6.58 20.85
N GLN A 75 -7.24 7.34 21.65
CA GLN A 75 -7.77 8.50 22.36
C GLN A 75 -7.38 9.77 21.60
N PHE A 76 -8.12 9.99 20.53
CA PHE A 76 -7.84 11.05 19.58
C PHE A 76 -7.72 12.42 20.23
N TYR A 77 -8.62 12.71 21.17
CA TYR A 77 -8.72 14.04 21.77
C TYR A 77 -7.54 14.41 22.66
N ASP A 78 -6.94 13.41 23.29
CA ASP A 78 -5.73 13.58 24.09
C ASP A 78 -4.49 13.63 23.23
N VAL A 79 -4.45 12.81 22.17
CA VAL A 79 -3.43 12.91 21.12
C VAL A 79 -3.35 14.35 20.56
N LEU A 80 -4.49 14.92 20.17
CA LEU A 80 -4.55 16.29 19.72
C LEU A 80 -4.00 17.24 20.77
N ASN A 81 -4.44 17.07 22.01
CA ASN A 81 -3.99 17.89 23.12
C ASN A 81 -2.47 17.74 23.36
N LEU A 82 -2.02 16.50 23.35
CA LEU A 82 -0.62 16.21 23.38
C LEU A 82 0.13 17.10 22.40
N PHE A 83 -0.41 17.26 21.19
CA PHE A 83 0.25 18.00 20.15
C PHE A 83 0.15 19.50 20.40
N ARG A 84 -0.93 19.94 21.07
CA ARG A 84 -1.15 21.36 21.33
C ARG A 84 -0.27 21.84 22.49
N LYS A 85 -0.14 20.99 23.52
CA LYS A 85 0.83 21.14 24.60
C LYS A 85 2.27 21.01 24.16
N PHE A 86 2.66 19.89 23.56
CA PHE A 86 4.10 19.70 23.33
C PHE A 86 4.69 20.32 22.04
N GLY A 87 3.82 20.73 21.10
CA GLY A 87 4.27 21.25 19.82
C GLY A 87 4.08 20.29 18.66
N LYS A 88 3.96 20.90 17.48
CA LYS A 88 3.69 20.12 16.28
C LYS A 88 4.95 19.45 15.69
N VAL A 89 4.76 18.33 15.01
CA VAL A 89 5.85 17.64 14.33
C VAL A 89 6.36 18.53 13.20
N GLY A 90 7.68 18.59 13.08
CA GLY A 90 8.30 19.52 12.16
C GLY A 90 9.78 19.23 12.04
N PRO A 91 10.48 20.01 11.20
CA PRO A 91 11.94 19.83 11.09
C PRO A 91 12.69 20.13 12.40
N LYS A 92 12.09 20.95 13.27
CA LYS A 92 12.66 21.20 14.61
C LYS A 92 12.19 20.22 15.71
N HIS A 93 11.38 19.21 15.35
CA HIS A 93 10.63 18.46 16.36
C HIS A 93 10.15 17.10 15.86
N THR A 94 11.00 16.08 16.00
CA THR A 94 10.65 14.71 15.67
C THR A 94 9.81 14.12 16.80
N TYR A 95 8.90 13.18 16.48
CA TYR A 95 8.14 12.40 17.49
C TYR A 95 8.20 10.90 17.22
N LEU A 96 8.12 10.11 18.29
CA LEU A 96 8.02 8.68 18.17
C LEU A 96 6.90 8.19 19.06
N PHE A 97 5.92 7.52 18.47
CA PHE A 97 4.90 6.72 19.21
C PHE A 97 5.19 5.26 19.31
N ASN A 98 5.29 4.81 20.56
CA ASN A 98 5.81 3.48 20.92
C ASN A 98 4.69 2.45 21.11
N GLY A 99 3.79 2.46 20.13
CA GLY A 99 2.91 1.36 19.89
C GLY A 99 1.61 1.53 20.61
N ASP A 100 0.73 0.55 20.44
CA ASP A 100 -0.56 0.54 21.11
C ASP A 100 -1.32 1.88 20.87
N PHE A 101 -1.30 2.37 19.64
CA PHE A 101 -2.17 3.49 19.25
C PHE A 101 -3.59 3.16 18.76
N VAL A 102 -3.83 1.86 18.50
CA VAL A 102 -5.19 1.39 18.25
C VAL A 102 -5.64 0.49 19.38
N ASP A 103 -6.95 0.17 19.39
CA ASP A 103 -7.67 -0.57 20.41
C ASP A 103 -8.10 0.23 21.64
N ARG A 104 -9.16 -0.27 22.28
CA ARG A 104 -9.79 0.28 23.48
C ARG A 104 -10.46 1.65 23.25
N GLY A 105 -9.68 2.66 22.90
CA GLY A 105 -10.25 3.97 22.60
C GLY A 105 -11.10 3.93 21.34
N SER A 106 -12.14 4.76 21.33
CA SER A 106 -13.19 4.68 20.32
C SER A 106 -12.91 5.49 19.07
N TRP A 107 -11.76 6.17 19.04
CA TRP A 107 -11.28 6.91 17.86
C TRP A 107 -9.94 6.34 17.36
N SER A 108 -9.82 5.01 17.39
CA SER A 108 -8.63 4.32 16.90
C SER A 108 -8.32 4.64 15.43
N CYS A 109 -9.35 4.74 14.60
CA CYS A 109 -9.15 5.05 13.18
C CYS A 109 -8.56 6.43 13.02
N GLU A 110 -9.12 7.39 13.78
CA GLU A 110 -8.72 8.78 13.71
C GLU A 110 -7.27 9.00 14.16
N VAL A 111 -6.84 8.31 15.21
CA VAL A 111 -5.42 8.32 15.60
C VAL A 111 -4.50 7.65 14.58
N ALA A 112 -4.88 6.47 14.13
CA ALA A 112 -4.09 5.74 13.10
C ALA A 112 -3.85 6.65 11.90
N LEU A 113 -4.90 7.36 11.47
CA LEU A 113 -4.90 8.21 10.29
C LEU A 113 -4.06 9.46 10.45
N LEU A 114 -4.23 10.23 11.53
CA LEU A 114 -3.28 11.31 11.83
C LEU A 114 -1.81 10.78 11.77
N PHE A 115 -1.51 9.72 12.50
CA PHE A 115 -0.14 9.18 12.49
C PHE A 115 0.36 8.87 11.07
N TYR A 116 -0.47 8.17 10.30
CA TYR A 116 -0.14 7.89 8.90
C TYR A 116 0.09 9.17 8.06
N CYS A 117 -0.79 10.15 8.21
CA CYS A 117 -0.65 11.40 7.50
C CYS A 117 0.65 12.07 7.83
N LEU A 118 0.92 12.13 9.14
CA LEU A 118 2.11 12.76 9.69
C LEU A 118 3.39 12.07 9.18
N LYS A 119 3.38 10.76 9.18
CA LYS A 119 4.44 10.00 8.54
C LYS A 119 4.66 10.42 7.08
N ILE A 120 3.60 10.66 6.33
CA ILE A 120 3.70 11.04 4.93
C ILE A 120 4.22 12.47 4.83
N LEU A 121 3.69 13.35 5.67
CA LEU A 121 4.08 14.76 5.60
C LEU A 121 5.51 15.00 6.12
N HIS A 122 5.90 14.33 7.21
CA HIS A 122 7.25 14.43 7.81
C HIS A 122 7.92 13.04 7.92
N PRO A 123 8.26 12.47 6.76
CA PRO A 123 8.81 11.13 6.89
C PRO A 123 10.12 11.07 7.70
N ASN A 124 10.82 12.18 7.85
CA ASN A 124 12.06 12.19 8.63
C ASN A 124 11.91 12.77 10.04
N ASN A 125 10.73 13.27 10.35
CA ASN A 125 10.47 13.77 11.68
C ASN A 125 9.36 13.07 12.45
N PHE A 126 8.94 11.89 11.97
CA PHE A 126 7.84 11.14 12.59
C PHE A 126 8.05 9.64 12.48
N PHE A 127 7.92 8.95 13.61
CA PHE A 127 8.33 7.56 13.71
C PHE A 127 7.37 6.72 14.54
N LEU A 128 7.19 5.46 14.21
CA LEU A 128 6.33 4.60 15.03
C LEU A 128 7.04 3.33 15.29
N ASN A 129 7.03 2.84 16.54
CA ASN A 129 7.29 1.40 16.79
C ASN A 129 5.97 0.64 16.83
N ARG A 130 5.97 -0.60 16.34
CA ARG A 130 4.79 -1.43 16.45
C ARG A 130 4.62 -1.73 17.93
N GLY A 131 3.37 -1.88 18.38
CA GLY A 131 3.08 -2.32 19.73
C GLY A 131 2.26 -3.55 19.57
N ASN A 132 2.08 -4.31 20.66
CA ASN A 132 1.40 -5.58 20.57
C ASN A 132 -0.03 -5.52 20.04
N HIS A 133 -0.63 -4.34 20.14
CA HIS A 133 -2.01 -4.14 19.68
C HIS A 133 -2.15 -3.87 18.17
N GLU A 134 -1.00 -3.72 17.51
CA GLU A 134 -0.96 -3.50 16.07
C GLU A 134 -0.72 -4.84 15.45
N SER A 135 -1.68 -5.72 15.71
CA SER A 135 -1.69 -7.10 15.33
C SER A 135 -3.14 -7.57 15.18
N ASP A 136 -3.34 -8.61 14.39
CA ASP A 136 -4.64 -9.24 14.09
C ASP A 136 -5.37 -9.81 15.30
N ASN A 137 -4.67 -10.63 16.08
CA ASN A 137 -5.22 -11.21 17.30
C ASN A 137 -5.81 -10.18 18.27
N ASN A 139 -6.56 -6.77 17.61
CA ASN A 139 -7.63 -5.98 16.98
C ASN A 139 -9.00 -6.71 16.96
N LYS A 140 -8.98 -8.01 16.69
CA LYS A 140 -10.18 -8.86 16.70
C LYS A 140 -10.92 -8.68 18.04
N ILE A 141 -10.19 -8.92 19.13
CA ILE A 141 -10.69 -8.82 20.50
C ILE A 141 -10.88 -7.38 21.01
N TYR A 142 -9.90 -6.50 20.82
CA TYR A 142 -9.85 -5.26 21.61
C TYR A 142 -10.44 -3.96 21.06
N GLY A 143 -11.13 -4.02 19.92
CA GLY A 143 -11.84 -2.85 19.46
C GLY A 143 -11.64 -2.37 18.04
N PHE A 144 -10.40 -2.36 17.57
CA PHE A 144 -10.07 -1.69 16.30
C PHE A 144 -10.83 -2.30 15.15
N GLU A 145 -10.81 -3.63 15.07
CA GLU A 145 -11.44 -4.31 13.96
C GLU A 145 -12.91 -3.95 13.83
N ASP A 146 -13.63 -3.95 14.95
CA ASP A 146 -15.02 -3.57 14.94
C ASP A 146 -15.23 -2.12 14.56
N GLU A 147 -14.43 -1.23 15.14
CA GLU A 147 -14.47 0.21 14.83
C GLU A 147 -14.23 0.48 13.35
N CYS A 148 -13.22 -0.18 12.82
CA CYS A 148 -12.84 -0.04 11.45
C CYS A 148 -13.91 -0.55 10.47
N LYS A 149 -14.35 -1.77 10.68
CA LYS A 149 -15.44 -2.34 9.88
C LYS A 149 -16.72 -1.49 9.92
N TYR A 150 -17.08 -1.00 11.10
CA TYR A 150 -18.26 -0.14 11.26
C TYR A 150 -18.09 1.15 10.46
N LYS A 151 -16.96 1.83 10.65
CA LYS A 151 -16.76 3.15 10.10
C LYS A 151 -16.40 3.14 8.63
N TYR A 152 -15.64 2.14 8.20
CA TYR A 152 -15.16 2.05 6.82
C TYR A 152 -15.54 0.74 6.15
N SER A 153 -14.67 -0.27 6.18
CA SER A 153 -15.04 -1.61 5.66
C SER A 153 -14.03 -2.66 6.08
N GLN A 154 -14.36 -3.92 5.80
CA GLN A 154 -13.42 -5.03 5.98
C GLN A 154 -12.13 -4.81 5.18
N ARG A 155 -12.26 -4.34 3.93
CA ARG A 155 -11.08 -4.06 3.08
C ARG A 155 -10.16 -3.00 3.68
N ILE A 156 -10.74 -1.92 4.18
CA ILE A 156 -9.96 -0.89 4.86
C ILE A 156 -9.32 -1.47 6.11
N PHE A 157 -10.02 -2.37 6.82
CA PHE A 157 -9.43 -2.94 8.01
C PHE A 157 -8.21 -3.76 7.63
N ASN A 158 -8.35 -4.58 6.59
CA ASN A 158 -7.26 -5.36 6.11
C ASN A 158 -6.09 -4.51 5.73
N PHE A 160 -5.22 -1.42 7.01
CA PHE A 160 -4.59 -1.13 8.30
C PHE A 160 -3.79 -2.31 8.84
N ALA A 161 -4.40 -3.50 8.83
CA ALA A 161 -3.75 -4.68 9.38
C ALA A 161 -2.43 -4.95 8.64
N GLN A 162 -2.44 -4.84 7.31
CA GLN A 162 -1.24 -5.06 6.53
C GLN A 162 -0.17 -4.04 6.86
N SER A 163 -0.60 -2.79 7.06
CA SER A 163 0.30 -1.72 7.32
C SER A 163 1.00 -1.96 8.64
N PHE A 164 0.33 -2.68 9.54
CA PHE A 164 0.88 -2.90 10.88
C PHE A 164 2.12 -3.77 10.80
N GLU A 165 2.16 -4.67 9.82
CA GLU A 165 3.31 -5.53 9.67
C GLU A 165 4.58 -4.79 9.22
N SER A 166 4.42 -3.55 8.78
CA SER A 166 5.53 -2.79 8.19
C SER A 166 6.24 -1.92 9.23
N LEU A 167 5.51 -1.58 10.31
CA LEU A 167 5.96 -0.74 11.41
C LEU A 167 7.20 -1.40 12.01
N PRO A 168 8.29 -0.62 12.22
CA PRO A 168 9.53 -1.04 12.90
C PRO A 168 9.27 -1.57 14.31
N LEU A 169 10.15 -2.42 14.82
CA LEU A 169 9.92 -3.04 16.13
C LEU A 169 10.58 -2.33 17.34
N ALA A 170 11.44 -1.36 17.00
CA ALA A 170 12.25 -0.66 17.97
C ALA A 170 12.95 0.47 17.26
N THR A 171 13.38 1.45 18.05
CA THR A 171 14.02 2.63 17.54
C THR A 171 15.10 3.05 18.51
N LEU A 172 16.25 3.45 17.98
CA LEU A 172 17.42 3.72 18.76
C LEU A 172 17.69 5.19 18.63
N ILE A 173 17.97 5.85 19.77
CA ILE A 173 18.18 7.28 19.77
C ILE A 173 19.55 7.67 20.30
N ASN A 174 20.23 8.51 19.52
CA ASN A 174 21.56 9.00 19.83
C ASN A 174 22.53 7.92 20.30
N ASN A 175 22.27 6.67 19.88
CA ASN A 175 23.09 5.53 20.29
C ASN A 175 23.15 5.42 21.79
N ASP A 176 22.10 5.91 22.45
CA ASP A 176 22.00 5.90 23.90
C ASP A 176 20.71 5.27 24.42
N TYR A 177 19.63 5.39 23.68
CA TYR A 177 18.37 4.97 24.23
C TYR A 177 17.69 4.03 23.26
N LEU A 178 17.19 2.92 23.78
CA LEU A 178 16.55 1.91 22.96
C LEU A 178 15.12 1.80 23.38
N VAL A 179 14.24 1.77 22.37
CA VAL A 179 12.83 2.03 22.58
C VAL A 179 12.07 1.04 21.80
N HIS A 181 8.03 -1.13 22.39
CA HIS A 181 6.77 -1.04 23.16
C HIS A 181 6.85 -1.82 24.47
N GLY A 182 7.25 -3.09 24.38
CA GLY A 182 7.23 -3.97 25.55
C GLY A 182 8.52 -3.99 26.36
N GLY A 183 9.45 -4.89 26.02
CA GLY A 183 10.69 -4.94 26.78
C GLY A 183 11.81 -5.65 26.07
N LEU A 184 12.71 -6.22 26.85
CA LEU A 184 13.88 -6.90 26.34
C LEU A 184 13.72 -8.41 26.40
N PRO A 185 14.36 -9.14 25.47
CA PRO A 185 14.61 -10.57 25.68
C PRO A 185 15.59 -10.85 26.85
N SER A 186 15.44 -12.02 27.46
CA SER A 186 16.30 -12.42 28.58
C SER A 186 17.60 -13.08 28.09
N ASP A 187 17.72 -13.21 26.77
CA ASP A 187 18.94 -13.72 26.13
C ASP A 187 20.09 -12.72 26.30
N PRO A 188 21.16 -13.11 27.01
CA PRO A 188 22.32 -12.25 27.18
C PRO A 188 23.14 -12.06 25.88
N SER A 189 22.90 -12.90 24.87
CA SER A 189 23.46 -12.70 23.53
C SER A 189 22.85 -11.49 22.79
N ALA A 190 21.55 -11.25 22.98
CA ALA A 190 20.81 -10.22 22.23
C ALA A 190 21.60 -8.94 22.01
N THR A 191 21.65 -8.49 20.76
CA THR A 191 22.28 -7.21 20.46
C THR A 191 21.40 -6.41 19.53
N LEU A 192 21.78 -5.16 19.32
CA LEU A 192 21.04 -4.26 18.46
C LEU A 192 20.86 -4.84 17.05
N SER A 193 21.97 -5.32 16.46
CA SER A 193 21.93 -5.94 15.14
C SER A 193 20.99 -7.15 15.07
N ASP A 194 20.87 -7.89 16.17
CA ASP A 194 19.81 -8.91 16.26
C ASP A 194 18.41 -8.30 16.03
N PHE A 195 18.12 -7.18 16.69
CA PHE A 195 16.82 -6.53 16.51
C PHE A 195 16.68 -5.99 15.07
N LYS A 196 17.77 -5.35 14.61
CA LYS A 196 17.91 -4.82 13.24
C LYS A 196 17.50 -5.83 12.16
N ASN A 197 17.95 -7.07 12.31
CA ASN A 197 17.76 -8.08 11.29
C ASN A 197 16.48 -8.92 11.38
N ILE A 198 15.53 -8.47 12.19
CA ILE A 198 14.30 -9.23 12.42
C ILE A 198 13.36 -9.16 11.21
N ASP A 199 12.84 -10.32 10.81
CA ASP A 199 11.88 -10.36 9.72
C ASP A 199 10.50 -10.00 10.27
N ARG A 200 10.22 -8.69 10.30
CA ARG A 200 9.07 -8.15 11.02
C ARG A 200 7.71 -8.17 10.32
N PHE A 201 7.68 -8.46 9.01
CA PHE A 201 6.47 -8.28 8.20
C PHE A 201 5.65 -9.54 8.27
N ALA A 202 4.84 -9.60 9.32
CA ALA A 202 4.20 -10.85 9.76
C ALA A 202 3.51 -10.53 11.08
N GLN A 203 2.85 -11.52 11.64
CA GLN A 203 2.28 -11.37 12.95
C GLN A 203 3.34 -11.74 14.00
N PRO A 204 3.26 -11.15 15.21
CA PRO A 204 4.24 -11.53 16.24
C PRO A 204 4.17 -13.02 16.51
N PRO A 205 5.33 -13.70 16.57
CA PRO A 205 5.40 -15.14 16.89
C PRO A 205 5.08 -15.41 18.35
N ARG A 206 4.88 -16.69 18.69
CA ARG A 206 4.64 -17.16 20.06
C ARG A 206 5.86 -16.84 20.97
N ASP A 207 6.99 -17.52 20.77
CA ASP A 207 8.22 -17.05 21.45
C ASP A 207 9.14 -16.09 20.63
N GLY A 208 10.24 -15.64 21.33
CA GLY A 208 11.33 -15.00 20.62
C GLY A 208 11.41 -13.50 20.80
N ALA A 209 12.55 -12.94 20.42
CA ALA A 209 12.81 -11.50 20.57
C ALA A 209 11.78 -10.61 19.88
N PHE A 210 11.19 -11.11 18.81
CA PHE A 210 10.12 -10.39 18.10
C PHE A 210 8.98 -10.12 19.08
N GLU A 212 8.98 -10.56 22.50
CA GLU A 212 9.47 -9.86 23.71
C GLU A 212 9.60 -8.35 23.49
N LEU A 213 9.91 -7.91 22.26
CA LEU A 213 10.05 -6.44 21.97
C LEU A 213 8.71 -5.75 22.15
N LEU A 214 7.65 -6.53 21.97
CA LEU A 214 6.28 -6.04 21.97
C LEU A 214 5.48 -6.45 23.21
N TRP A 215 5.86 -7.56 23.89
CA TRP A 215 5.13 -8.11 25.04
C TRP A 215 5.80 -8.05 26.45
N ALA A 216 7.13 -8.24 26.55
CA ALA A 216 7.85 -8.28 27.84
C ALA A 216 7.60 -7.08 28.76
N ASP A 217 7.49 -7.34 30.08
CA ASP A 217 7.46 -6.27 31.12
C ASP A 217 8.67 -6.41 32.04
N PRO A 218 9.20 -5.28 32.52
CA PRO A 218 10.25 -5.24 33.52
C PRO A 218 9.68 -5.52 34.90
N GLN A 219 10.55 -5.97 35.78
CA GLN A 219 10.25 -6.10 37.18
C GLN A 219 11.44 -5.48 37.91
N GLU A 220 11.26 -5.19 39.19
CA GLU A 220 12.35 -4.68 40.01
C GLU A 220 13.21 -5.81 40.61
N ALA A 221 12.67 -7.01 40.74
CA ALA A 221 13.47 -8.15 41.24
C ALA A 221 14.46 -8.56 40.18
N ASN A 222 15.63 -9.06 40.58
CA ASN A 222 16.62 -9.46 39.58
C ASN A 222 16.17 -10.74 38.88
N GLY A 223 16.78 -11.02 37.74
CA GLY A 223 16.49 -12.22 36.98
C GLY A 223 15.33 -12.09 36.01
N GLY A 225 11.36 -14.08 34.78
CA GLY A 225 10.26 -14.99 35.09
C GLY A 225 9.05 -14.68 34.24
N PRO A 226 7.99 -15.50 34.34
CA PRO A 226 6.72 -15.18 33.67
C PRO A 226 6.14 -13.87 34.20
N SER A 227 5.49 -13.10 33.34
CA SER A 227 5.00 -11.78 33.76
C SER A 227 3.62 -11.89 34.43
N GLN A 228 3.06 -10.74 34.82
CA GLN A 228 1.70 -10.68 35.39
C GLN A 228 0.64 -11.13 34.37
N ARG A 229 0.89 -10.86 33.09
CA ARG A 229 0.01 -11.28 32.00
C ARG A 229 0.41 -12.67 31.47
N GLY A 232 4.28 -12.63 27.55
CA GLY A 232 5.70 -13.01 27.53
C GLY A 232 6.36 -13.12 28.91
N HIS A 233 7.45 -12.38 29.13
CA HIS A 233 8.27 -12.55 30.35
C HIS A 233 8.53 -11.26 31.13
N ALA A 234 8.98 -11.40 32.38
CA ALA A 234 9.44 -10.27 33.19
C ALA A 234 10.96 -10.29 33.14
N PHE A 235 11.57 -9.10 33.08
CA PHE A 235 13.03 -9.03 33.06
C PHE A 235 13.53 -8.02 34.11
N GLY A 236 14.45 -8.49 34.95
CA GLY A 236 14.99 -7.73 36.08
C GLY A 236 16.02 -6.65 35.74
N PRO A 237 16.45 -5.87 36.73
CA PRO A 237 17.39 -4.79 36.43
C PRO A 237 18.77 -5.35 36.04
N ASP A 238 19.07 -6.57 36.49
CA ASP A 238 20.32 -7.24 36.09
C ASP A 238 20.31 -7.57 34.59
N ILE A 239 19.15 -7.92 34.03
CA ILE A 239 19.04 -8.22 32.59
C ILE A 239 19.20 -6.94 31.76
N THR A 240 18.49 -5.91 32.18
CA THR A 240 18.61 -4.62 31.54
C THR A 240 20.06 -4.13 31.54
N ASP A 241 20.69 -4.08 32.71
CA ASP A 241 22.04 -3.55 32.90
C ASP A 241 22.98 -4.27 31.96
N ARG A 242 22.99 -5.60 32.05
CA ARG A 242 23.80 -6.41 31.17
C ARG A 242 23.58 -5.99 29.71
N PHE A 243 22.31 -5.81 29.30
CA PHE A 243 22.04 -5.50 27.90
C PHE A 243 22.59 -4.14 27.52
N LEU A 244 22.38 -3.17 28.41
CA LEU A 244 22.83 -1.80 28.19
C LEU A 244 24.37 -1.67 28.02
N ARG A 245 25.12 -2.23 28.97
CA ARG A 245 26.59 -2.19 28.89
C ARG A 245 27.16 -2.99 27.72
N ASN A 246 26.58 -4.17 27.46
CA ASN A 246 26.96 -4.99 26.30
C ASN A 246 26.78 -4.21 25.00
N ASN A 247 25.76 -3.35 24.96
CA ASN A 247 25.39 -2.65 23.74
C ASN A 247 25.71 -1.16 23.74
N LYS A 248 26.49 -0.71 24.72
CA LYS A 248 26.95 0.68 24.77
C LYS A 248 25.80 1.70 24.80
N LEU A 249 24.73 1.37 25.54
CA LEU A 249 23.56 2.23 25.69
C LEU A 249 23.50 2.92 27.07
N ARG A 250 22.68 3.96 27.21
CA ARG A 250 22.39 4.54 28.53
C ARG A 250 21.15 3.95 29.21
N LYS A 251 20.01 3.95 28.52
CA LYS A 251 18.74 3.47 29.12
C LYS A 251 17.90 2.76 28.11
N ILE A 252 16.92 1.99 28.63
CA ILE A 252 15.75 1.54 27.85
C ILE A 252 14.56 2.48 28.11
N PHE A 253 13.86 2.87 27.04
CA PHE A 253 12.51 3.47 27.15
C PHE A 253 11.54 2.46 26.57
N ARG A 254 10.41 2.26 27.21
CA ARG A 254 9.45 1.33 26.69
C ARG A 254 8.10 1.82 27.19
N SER A 255 7.00 1.19 26.78
CA SER A 255 5.65 1.64 27.15
C SER A 255 4.88 0.43 27.66
N HIS A 256 3.73 0.08 27.08
CA HIS A 256 3.01 -1.21 27.31
C HIS A 256 2.39 -1.38 28.70
N GLU A 257 2.82 -0.58 29.65
CA GLU A 257 2.16 -0.54 30.95
C GLU A 257 1.77 0.86 31.37
N LEU A 258 0.56 0.95 31.93
CA LEU A 258 0.05 2.15 32.57
C LEU A 258 0.95 2.60 33.72
N ARG A 259 1.18 3.90 33.79
CA ARG A 259 1.85 4.54 34.89
C ARG A 259 1.03 5.74 35.29
N GLY A 261 1.73 8.30 36.79
CA GLY A 261 2.46 9.55 36.62
C GLY A 261 3.01 9.74 35.22
N GLY A 262 2.42 9.02 34.26
CA GLY A 262 2.68 9.22 32.84
C GLY A 262 3.98 8.64 32.37
N VAL A 263 5.07 9.06 33.01
CA VAL A 263 6.32 8.35 32.86
C VAL A 263 6.91 7.98 34.21
N GLN A 264 7.47 6.77 34.28
CA GLN A 264 8.05 6.27 35.50
C GLN A 264 9.52 5.93 35.33
N PHE A 265 10.31 6.29 36.33
CA PHE A 265 11.74 5.99 36.34
C PHE A 265 11.90 4.69 37.11
N GLU A 266 12.52 3.71 36.47
CA GLU A 266 12.50 2.34 36.97
C GLU A 266 13.86 1.63 36.93
N GLN A 267 13.92 0.48 37.57
CA GLN A 267 15.13 -0.34 37.58
C GLN A 267 16.40 0.54 37.86
N LYS A 268 16.32 1.35 38.91
CA LYS A 268 17.45 2.16 39.36
C LYS A 268 17.96 3.03 38.24
N GLY A 269 17.05 3.62 37.47
CA GLY A 269 17.42 4.47 36.38
C GLY A 269 17.72 3.88 35.01
N LYS A 270 17.88 2.54 34.92
CA LYS A 270 18.26 1.86 33.67
C LYS A 270 17.13 1.84 32.65
N LEU A 271 15.92 2.06 33.16
CA LEU A 271 14.71 1.92 32.35
C LEU A 271 13.67 2.99 32.66
N THR A 273 9.44 3.85 31.68
CA THR A 273 8.17 3.61 31.02
C THR A 273 7.52 4.96 30.73
N VAL A 274 7.19 5.18 29.46
CA VAL A 274 6.31 6.27 29.05
C VAL A 274 5.00 5.75 28.49
N PHE A 275 3.92 6.29 29.03
CA PHE A 275 2.53 5.87 28.72
C PHE A 275 1.73 7.17 28.45
N SER A 276 1.07 7.29 27.30
CA SER A 276 0.51 8.58 26.86
C SER A 276 -0.97 8.46 26.56
N ALA A 277 -1.68 7.70 27.38
CA ALA A 277 -3.12 7.57 27.29
C ALA A 277 -3.68 7.99 28.63
N PRO A 278 -3.92 9.30 28.80
CA PRO A 278 -4.36 9.86 30.06
C PRO A 278 -5.81 9.50 30.37
N ASN A 279 -6.14 9.38 31.65
CA ASN A 279 -7.44 8.85 32.10
C ASN A 279 -7.91 7.64 31.28
N TYR A 280 -7.01 6.65 31.19
CA TYR A 280 -7.20 5.40 30.47
C TYR A 280 -8.55 4.76 30.71
N CYS A 281 -9.17 4.27 29.62
CA CYS A 281 -10.51 3.65 29.66
C CYS A 281 -11.57 4.50 30.39
N ASP A 282 -11.43 5.83 30.27
CA ASP A 282 -12.30 6.81 30.96
C ASP A 282 -12.36 6.54 32.46
N SER A 283 -11.29 5.91 32.97
CA SER A 283 -11.35 5.28 34.30
C SER A 283 -10.17 5.52 35.26
N GLN A 284 -8.95 5.39 34.77
CA GLN A 284 -7.76 5.37 35.63
C GLN A 284 -7.35 6.73 36.22
N GLY A 285 -7.83 7.82 35.65
CA GLY A 285 -7.40 9.15 36.11
C GLY A 285 -5.89 9.35 36.09
N ASN A 286 -5.15 8.52 35.34
CA ASN A 286 -3.70 8.68 35.19
C ASN A 286 -3.31 9.84 34.27
N LEU A 287 -2.08 10.31 34.45
CA LEU A 287 -1.43 11.24 33.53
C LEU A 287 -0.87 10.50 32.32
N GLY A 288 -0.72 11.21 31.21
CA GLY A 288 0.06 10.70 30.07
C GLY A 288 1.43 11.32 30.18
N GLY A 289 2.40 10.72 29.50
CA GLY A 289 3.78 11.20 29.58
C GLY A 289 4.51 11.39 28.27
N VAL A 290 5.67 12.03 28.33
CA VAL A 290 6.51 12.22 27.15
C VAL A 290 7.95 12.38 27.63
N ILE A 291 8.91 11.97 26.80
CA ILE A 291 10.32 12.08 27.16
C ILE A 291 11.00 12.87 26.04
N HIS A 292 11.33 14.11 26.28
CA HIS A 292 12.12 14.79 25.27
C HIS A 292 13.58 14.32 25.38
N VAL A 293 14.17 13.81 24.31
CA VAL A 293 15.62 13.84 24.30
C VAL A 293 16.10 15.11 23.64
N VAL A 294 16.85 15.89 24.41
CA VAL A 294 17.44 17.17 23.94
C VAL A 294 18.84 17.23 24.55
N PRO A 295 19.87 16.91 23.76
CA PRO A 295 21.20 16.71 24.30
C PRO A 295 21.75 17.94 25.03
N GLY A 296 22.12 17.72 26.30
CA GLY A 296 22.69 18.73 27.16
C GLY A 296 21.73 19.79 27.63
N HIS A 297 20.45 19.66 27.32
CA HIS A 297 19.45 20.59 27.90
C HIS A 297 18.45 19.77 28.73
N GLY A 298 18.95 18.73 29.35
CA GLY A 298 18.09 17.88 30.20
C GLY A 298 17.69 18.66 31.42
N ILE A 299 16.60 18.25 32.06
CA ILE A 299 16.22 18.81 33.36
C ILE A 299 16.18 17.65 34.34
N LEU A 300 17.13 17.68 35.27
CA LEU A 300 17.32 16.64 36.25
C LEU A 300 16.32 16.81 37.36
N GLN A 301 15.83 15.68 37.86
CA GLN A 301 15.06 15.65 39.10
C GLN A 301 15.46 14.43 39.90
N ALA A 302 15.65 14.60 41.21
CA ALA A 302 15.87 13.46 42.07
C ALA A 302 14.66 12.55 41.98
N GLY A 303 14.92 11.28 41.68
CA GLY A 303 13.89 10.25 41.58
C GLY A 303 13.09 10.15 40.29
N ARG A 304 13.28 11.08 39.35
CA ARG A 304 12.56 11.06 38.06
C ARG A 304 13.46 11.02 36.80
N ASN A 305 14.57 11.76 36.82
CA ASN A 305 15.51 11.79 35.68
C ASN A 305 16.93 12.09 36.17
N ASP A 306 17.87 11.22 35.83
CA ASP A 306 19.27 11.36 36.22
C ASP A 306 20.14 11.68 35.03
N ASP A 307 19.52 11.99 33.91
CA ASP A 307 20.21 12.18 32.65
C ASP A 307 20.09 13.62 32.14
N GLN A 308 21.22 14.26 31.90
CA GLN A 308 21.26 15.62 31.38
C GLN A 308 20.82 15.76 29.91
N ASN A 309 20.35 14.68 29.27
CA ASN A 309 19.82 14.78 27.88
C ASN A 309 18.29 14.70 27.80
N LEU A 310 17.67 14.48 28.95
CA LEU A 310 16.26 14.12 29.04
C LEU A 310 15.41 15.17 29.79
N ILE A 311 14.26 15.53 29.20
CA ILE A 311 13.15 16.24 29.88
C ILE A 311 11.87 15.35 29.95
N ILE A 312 11.40 15.10 31.17
CA ILE A 312 10.20 14.30 31.38
C ILE A 312 9.06 15.28 31.61
N GLU A 313 8.07 15.29 30.73
CA GLU A 313 6.87 16.06 30.99
C GLU A 313 5.63 15.16 31.07
N THR A 314 4.55 15.72 31.58
CA THR A 314 3.31 14.96 31.73
C THR A 314 2.14 15.82 31.28
N PHE A 315 1.04 15.16 30.97
CA PHE A 315 -0.15 15.88 30.52
C PHE A 315 -1.42 15.20 31.05
N GLU A 316 -2.44 16.04 31.28
CA GLU A 316 -3.72 15.58 31.82
C GLU A 316 -4.72 15.22 30.73
N ALA A 317 -5.73 14.44 31.08
CA ALA A 317 -6.75 14.03 30.11
C ALA A 317 -7.63 15.22 29.79
N VAL A 318 -8.30 15.14 28.65
CA VAL A 318 -9.11 16.22 28.13
C VAL A 318 -10.52 15.67 27.85
N GLU A 319 -11.52 16.55 27.74
CA GLU A 319 -12.88 16.10 27.42
C GLU A 319 -13.02 15.50 26.01
N HIS A 320 -13.92 14.54 25.86
CA HIS A 320 -14.21 13.94 24.56
C HIS A 320 -15.70 13.63 24.40
N PRO A 321 -16.21 13.54 23.15
CA PRO A 321 -17.65 13.36 22.90
C PRO A 321 -18.32 12.19 23.66
N ASP A 322 -19.63 12.30 23.88
CA ASP A 322 -20.40 11.31 24.64
C ASP A 322 -20.38 9.91 23.97
N ILE A 323 -19.20 9.31 23.95
CA ILE A 323 -19.00 7.99 23.37
C ILE A 323 -18.22 7.09 24.37
N LYS A 324 -18.68 5.86 24.57
CA LYS A 324 -18.01 4.89 25.48
C LYS A 324 -16.62 4.48 24.92
N PRO A 325 -15.76 3.78 25.74
CA PRO A 325 -14.60 3.11 25.07
C PRO A 325 -15.08 1.82 24.37
N ALA A 327 -16.77 1.54 21.74
CA ALA A 327 -18.18 1.74 21.39
C ALA A 327 -18.65 0.95 20.15
N TYR A 328 -17.77 0.10 19.60
CA TYR A 328 -18.05 -0.68 18.39
C TYR A 328 -17.82 -2.18 18.58
N SER A 329 -17.05 -2.55 19.59
CA SER A 329 -16.80 -3.95 19.94
C SER A 329 -18.00 -4.66 20.60
N SER B 13 15.19 -1.87 -9.28
CA SER B 13 16.15 -1.72 -10.40
C SER B 13 15.87 -2.75 -11.48
N GLN B 14 16.43 -2.58 -12.68
CA GLN B 14 16.29 -3.60 -13.73
C GLN B 14 16.96 -4.88 -13.24
N GLU B 15 18.11 -4.73 -12.57
CA GLU B 15 18.73 -5.82 -11.84
C GLU B 15 17.74 -6.61 -11.01
N PHE B 16 16.88 -5.92 -10.26
CA PHE B 16 15.96 -6.59 -9.35
C PHE B 16 14.94 -7.42 -10.12
N ILE B 17 14.44 -6.87 -11.22
CA ILE B 17 13.46 -7.54 -12.07
C ILE B 17 14.07 -8.76 -12.76
N SER B 18 15.29 -8.61 -13.26
CA SER B 18 15.99 -9.71 -13.93
C SER B 18 16.23 -10.90 -13.03
N LYS B 19 16.68 -10.64 -11.79
CA LYS B 19 16.91 -11.72 -10.83
C LYS B 19 15.57 -12.34 -10.50
N VAL B 21 12.73 -12.41 -12.21
CA VAL B 21 12.28 -13.14 -13.38
C VAL B 21 13.13 -14.39 -13.61
N ASN B 22 14.44 -14.20 -13.77
CA ASN B 22 15.38 -15.27 -14.19
C ASN B 22 15.77 -16.26 -13.12
N ASP B 23 16.01 -15.75 -11.92
CA ASP B 23 16.54 -16.56 -10.84
C ASP B 23 15.44 -17.19 -10.00
N LEU B 24 14.26 -16.61 -10.04
CA LEU B 24 13.23 -17.06 -9.16
C LEU B 24 12.02 -17.64 -9.91
N PHE B 25 11.34 -16.79 -10.69
CA PHE B 25 10.12 -17.18 -11.39
C PHE B 25 10.33 -18.24 -12.49
N LEU B 26 11.47 -18.17 -13.18
CA LEU B 26 11.79 -19.17 -14.23
C LEU B 26 12.27 -20.52 -13.66
N LYS B 27 12.62 -20.56 -12.39
CA LYS B 27 12.97 -21.81 -11.69
C LYS B 27 11.80 -22.30 -10.83
N GLY B 28 10.63 -21.71 -11.03
CA GLY B 28 9.43 -22.07 -10.29
C GLY B 28 9.54 -21.82 -8.80
N LYS B 29 10.14 -20.69 -8.44
CA LYS B 29 10.29 -20.28 -7.04
C LYS B 29 9.50 -19.00 -6.85
N TYR B 30 9.13 -18.70 -5.60
CA TYR B 30 8.40 -17.47 -5.32
C TYR B 30 9.26 -16.45 -4.63
N LEU B 31 8.86 -15.19 -4.73
CA LEU B 31 9.47 -14.10 -3.97
C LEU B 31 9.12 -14.24 -2.49
N PRO B 32 10.09 -13.95 -1.60
CA PRO B 32 9.75 -13.75 -0.19
C PRO B 32 8.53 -12.85 -0.05
N LYS B 33 7.60 -13.23 0.82
CA LYS B 33 6.36 -12.50 1.08
C LYS B 33 6.59 -11.02 1.41
N LYS B 34 7.72 -10.71 2.04
CA LYS B 34 8.05 -9.31 2.34
C LYS B 34 8.27 -8.46 1.06
N TYR B 35 8.85 -9.05 0.02
CA TYR B 35 9.04 -8.31 -1.23
C TYR B 35 7.73 -8.09 -1.98
N VAL B 36 6.94 -9.15 -2.08
CA VAL B 36 5.61 -9.11 -2.70
C VAL B 36 4.80 -7.93 -2.13
N ALA B 37 4.76 -7.85 -0.80
CA ALA B 37 3.99 -6.84 -0.10
C ALA B 37 4.54 -5.46 -0.46
N ALA B 38 5.86 -5.29 -0.36
CA ALA B 38 6.51 -4.02 -0.72
C ALA B 38 6.16 -3.59 -2.13
N ILE B 39 6.22 -4.52 -3.06
CA ILE B 39 5.90 -4.28 -4.48
C ILE B 39 4.43 -3.93 -4.70
N ILE B 40 3.51 -4.77 -4.18
CA ILE B 40 2.09 -4.51 -4.37
C ILE B 40 1.77 -3.14 -3.80
N SER B 41 2.31 -2.84 -2.62
CA SER B 41 2.04 -1.58 -1.97
C SER B 41 2.63 -0.35 -2.66
N HIS B 42 3.83 -0.47 -3.23
CA HIS B 42 4.45 0.68 -3.86
C HIS B 42 3.73 0.97 -5.20
N ALA B 43 3.35 -0.12 -5.91
CA ALA B 43 2.59 -0.01 -7.14
C ALA B 43 1.23 0.63 -6.88
N ASP B 44 0.55 0.12 -5.85
CA ASP B 44 -0.76 0.63 -5.41
C ASP B 44 -0.72 2.15 -5.16
N THR B 45 0.27 2.58 -4.38
CA THR B 45 0.50 4.02 -4.17
C THR B 45 0.65 4.85 -5.46
N LEU B 46 1.54 4.41 -6.37
CA LEU B 46 1.70 4.98 -7.72
C LEU B 46 0.40 5.12 -8.52
N PHE B 47 -0.32 4.03 -8.76
CA PHE B 47 -1.60 4.10 -9.48
C PHE B 47 -2.66 4.99 -8.81
N ARG B 48 -2.58 5.14 -7.49
CA ARG B 48 -3.60 5.90 -6.75
C ARG B 48 -3.41 7.39 -6.98
N GLN B 49 -2.19 7.79 -7.36
CA GLN B 49 -1.93 9.17 -7.72
C GLN B 49 -2.46 9.50 -9.12
N GLU B 50 -2.94 8.48 -9.83
CA GLU B 50 -3.32 8.63 -11.24
C GLU B 50 -4.78 8.85 -11.41
N PRO B 51 -5.17 9.69 -12.40
CA PRO B 51 -6.59 9.94 -12.62
C PRO B 51 -7.25 8.71 -13.20
N SER B 52 -8.58 8.62 -13.09
CA SER B 52 -9.36 7.51 -13.64
C SER B 52 -9.14 7.27 -15.15
N VAL B 54 -5.98 8.06 -17.65
CA VAL B 54 -4.64 8.55 -17.85
C VAL B 54 -4.51 9.19 -19.23
N GLU B 55 -3.75 10.27 -19.34
CA GLU B 55 -3.53 10.92 -20.65
C GLU B 55 -2.09 10.95 -21.06
N LEU B 56 -1.83 10.39 -22.23
CA LEU B 56 -0.49 10.07 -22.69
C LEU B 56 -0.27 10.75 -24.00
N GLU B 57 0.95 11.18 -24.29
CA GLU B 57 1.24 11.65 -25.61
C GLU B 57 2.68 11.42 -26.01
N ASN B 58 2.88 11.11 -27.29
CA ASN B 58 4.20 11.08 -27.88
C ASN B 58 4.35 11.98 -29.10
N ASN B 59 3.34 12.78 -29.41
CA ASN B 59 3.46 13.76 -30.50
C ASN B 59 4.67 14.64 -30.27
N SER B 60 4.80 15.12 -29.03
CA SER B 60 5.90 16.01 -28.66
C SER B 60 7.23 15.30 -28.49
N THR B 61 7.21 13.99 -28.27
CA THR B 61 8.44 13.25 -28.08
C THR B 61 8.51 12.23 -29.20
N PRO B 62 9.08 12.62 -30.35
CA PRO B 62 8.89 11.83 -31.57
C PRO B 62 9.24 10.34 -31.37
N ASP B 63 10.44 10.11 -30.83
CA ASP B 63 11.03 8.77 -30.71
C ASP B 63 10.63 7.93 -29.48
N VAL B 64 9.51 8.28 -28.85
CA VAL B 64 8.95 7.40 -27.85
C VAL B 64 7.84 6.59 -28.50
N LYS B 65 8.00 5.28 -28.50
CA LYS B 65 7.02 4.39 -29.05
C LYS B 65 6.04 4.09 -27.94
N ILE B 66 4.74 4.22 -28.19
CA ILE B 66 3.75 3.79 -27.21
C ILE B 66 3.15 2.49 -27.73
N SER B 67 3.23 1.43 -26.94
CA SER B 67 2.59 0.16 -27.30
C SER B 67 1.35 -0.10 -26.44
N VAL B 68 0.28 -0.59 -27.07
CA VAL B 68 -0.89 -1.00 -26.37
C VAL B 68 -1.05 -2.53 -26.49
N CYS B 69 -1.21 -3.20 -25.35
CA CYS B 69 -1.39 -4.63 -25.34
C CYS B 69 -2.71 -4.92 -24.63
N GLY B 70 -3.27 -6.10 -24.87
CA GLY B 70 -4.58 -6.50 -24.33
C GLY B 70 -4.39 -7.57 -23.28
N ASP B 71 -5.40 -8.41 -23.10
CA ASP B 71 -5.38 -9.54 -22.15
C ASP B 71 -4.10 -10.38 -22.20
N THR B 72 -3.62 -10.81 -21.02
CA THR B 72 -2.42 -11.64 -20.88
C THR B 72 -2.78 -12.83 -19.96
N HIS B 73 -3.82 -12.65 -19.17
CA HIS B 73 -4.48 -13.69 -18.33
C HIS B 73 -3.41 -14.68 -17.78
N GLY B 74 -2.43 -14.13 -17.06
CA GLY B 74 -1.41 -14.90 -16.34
C GLY B 74 -0.54 -15.85 -17.14
N GLN B 75 -0.26 -15.49 -18.39
CA GLN B 75 0.60 -16.25 -19.28
C GLN B 75 1.99 -15.61 -19.30
N PHE B 76 2.71 -15.87 -18.21
CA PHE B 76 3.99 -15.24 -17.94
C PHE B 76 4.98 -15.41 -19.08
N TYR B 77 5.03 -16.61 -19.63
CA TYR B 77 6.05 -16.96 -20.63
C TYR B 77 5.86 -16.22 -21.96
N ASP B 78 4.61 -15.89 -22.28
CA ASP B 78 4.30 -15.13 -23.47
C ASP B 78 4.51 -13.64 -23.25
N VAL B 79 4.12 -13.17 -22.05
CA VAL B 79 4.46 -11.80 -21.60
C VAL B 79 5.96 -11.54 -21.76
N LEU B 80 6.80 -12.46 -21.30
CA LEU B 80 8.23 -12.34 -21.40
C LEU B 80 8.66 -12.30 -22.86
N ASN B 81 8.10 -13.20 -23.66
CA ASN B 81 8.34 -13.23 -25.09
C ASN B 81 7.90 -11.93 -25.78
N LEU B 82 6.70 -11.49 -25.43
CA LEU B 82 6.17 -10.22 -25.86
C LEU B 82 7.22 -9.15 -25.63
N PHE B 83 7.90 -9.18 -24.49
CA PHE B 83 8.88 -8.20 -24.18
C PHE B 83 10.17 -8.38 -24.97
N ARG B 84 10.49 -9.63 -25.33
CA ARG B 84 11.75 -9.94 -26.01
C ARG B 84 11.66 -9.59 -27.49
N LYS B 85 10.56 -9.97 -28.13
CA LYS B 85 10.15 -9.49 -29.45
C LYS B 85 9.95 -7.98 -29.54
N PHE B 86 9.05 -7.39 -28.75
CA PHE B 86 8.73 -5.96 -28.99
C PHE B 86 9.64 -4.89 -28.36
N GLY B 87 10.50 -5.30 -27.42
CA GLY B 87 11.42 -4.37 -26.76
C GLY B 87 11.03 -4.10 -25.32
N LYS B 88 12.06 -3.72 -24.54
CA LYS B 88 11.83 -3.49 -23.13
C LYS B 88 11.24 -2.09 -22.85
N VAL B 89 10.46 -1.99 -21.78
CA VAL B 89 9.96 -0.70 -21.31
C VAL B 89 11.13 0.19 -20.90
N GLY B 90 11.07 1.44 -21.33
CA GLY B 90 12.17 2.38 -21.16
C GLY B 90 11.72 3.79 -21.46
N PRO B 91 12.64 4.75 -21.37
CA PRO B 91 12.29 6.13 -21.75
C PRO B 91 11.98 6.29 -23.24
N LYS B 92 12.48 5.38 -24.07
CA LYS B 92 12.14 5.37 -25.50
C LYS B 92 10.90 4.53 -25.85
N HIS B 93 10.24 3.92 -24.85
CA HIS B 93 9.29 2.85 -25.11
C HIS B 93 8.27 2.63 -23.99
N THR B 94 7.15 3.36 -24.04
CA THR B 94 6.06 3.21 -23.06
C THR B 94 5.23 1.98 -23.45
N TYR B 95 4.63 1.31 -22.46
CA TYR B 95 3.63 0.22 -22.69
C TYR B 95 2.35 0.46 -21.88
N LEU B 96 1.22 -0.03 -22.41
CA LEU B 96 -0.02 -0.10 -21.70
C LEU B 96 -0.58 -1.50 -21.85
N PHE B 97 -0.83 -2.15 -20.71
CA PHE B 97 -1.70 -3.36 -20.62
C PHE B 97 -3.11 -3.10 -20.23
N ASN B 98 -4.01 -3.49 -21.15
CA ASN B 98 -5.44 -3.12 -21.12
C ASN B 98 -6.27 -4.22 -20.46
N GLY B 99 -5.74 -4.69 -19.34
CA GLY B 99 -6.51 -5.34 -18.32
C GLY B 99 -6.50 -6.82 -18.50
N ASP B 100 -7.24 -7.54 -17.64
CA ASP B 100 -7.28 -8.99 -17.74
C ASP B 100 -5.85 -9.63 -17.78
N PHE B 101 -4.95 -9.16 -16.91
CA PHE B 101 -3.64 -9.82 -16.73
C PHE B 101 -3.57 -10.92 -15.66
N VAL B 102 -4.64 -11.03 -14.85
CA VAL B 102 -4.79 -12.14 -13.93
C VAL B 102 -5.98 -13.00 -14.33
N ASP B 103 -6.05 -14.19 -13.72
CA ASP B 103 -6.99 -15.28 -14.01
C ASP B 103 -6.66 -16.15 -15.22
N ARG B 104 -7.21 -17.36 -15.17
CA ARG B 104 -7.05 -18.42 -16.18
C ARG B 104 -5.62 -18.96 -16.26
N GLY B 105 -4.66 -18.16 -16.70
CA GLY B 105 -3.28 -18.60 -16.74
C GLY B 105 -2.71 -18.84 -15.36
N SER B 106 -1.75 -19.76 -15.28
CA SER B 106 -1.32 -20.31 -13.99
C SER B 106 -0.14 -19.57 -13.40
N TRP B 107 0.32 -18.54 -14.10
CA TRP B 107 1.35 -17.65 -13.58
C TRP B 107 0.82 -16.22 -13.45
N SER B 108 -0.43 -16.08 -12.98
CA SER B 108 -1.04 -14.77 -12.72
C SER B 108 -0.25 -13.92 -11.72
N CYS B 109 0.26 -14.53 -10.66
CA CYS B 109 1.07 -13.78 -9.69
C CYS B 109 2.32 -13.21 -10.35
N GLU B 110 2.99 -14.04 -11.17
CA GLU B 110 4.25 -13.66 -11.81
C GLU B 110 4.06 -12.52 -12.81
N VAL B 111 2.97 -12.53 -13.57
CA VAL B 111 2.61 -11.36 -14.42
C VAL B 111 2.28 -10.12 -13.63
N ALA B 112 1.40 -10.26 -12.64
CA ALA B 112 0.99 -9.13 -11.80
C ALA B 112 2.24 -8.42 -11.23
N LEU B 113 3.20 -9.22 -10.78
CA LEU B 113 4.41 -8.75 -10.11
C LEU B 113 5.41 -8.06 -11.04
N LEU B 114 5.72 -8.65 -12.20
CA LEU B 114 6.46 -7.95 -13.24
C LEU B 114 5.78 -6.58 -13.55
N PHE B 115 4.49 -6.59 -13.87
CA PHE B 115 3.81 -5.33 -14.14
C PHE B 115 3.97 -4.31 -12.99
N TYR B 116 3.75 -4.76 -11.77
CA TYR B 116 3.95 -3.89 -10.61
C TYR B 116 5.40 -3.34 -10.50
N CYS B 117 6.38 -4.21 -10.67
CA CYS B 117 7.77 -3.80 -10.64
C CYS B 117 8.07 -2.75 -11.69
N LEU B 118 7.60 -3.05 -12.90
CA LEU B 118 7.75 -2.17 -14.06
C LEU B 118 7.12 -0.79 -13.81
N LYS B 119 5.92 -0.80 -13.26
CA LYS B 119 5.31 0.44 -12.81
C LYS B 119 6.19 1.23 -11.83
N ILE B 120 6.80 0.54 -10.87
CA ILE B 120 7.69 1.19 -9.92
C ILE B 120 8.95 1.70 -10.62
N LEU B 121 9.52 0.87 -11.51
CA LEU B 121 10.80 1.24 -12.15
C LEU B 121 10.64 2.35 -13.22
N HIS B 122 9.62 2.26 -14.05
CA HIS B 122 9.27 3.28 -15.06
C HIS B 122 7.85 3.84 -14.84
N PRO B 123 7.68 4.61 -13.76
CA PRO B 123 6.33 5.07 -13.53
C PRO B 123 5.78 5.93 -14.68
N ASN B 124 6.64 6.50 -15.52
CA ASN B 124 6.18 7.31 -16.64
C ASN B 124 6.20 6.62 -17.99
N ASN B 125 6.65 5.39 -18.00
CA ASN B 125 6.66 4.62 -19.23
C ASN B 125 5.90 3.30 -19.18
N PHE B 126 5.08 3.13 -18.14
CA PHE B 126 4.33 1.89 -17.95
C PHE B 126 2.98 2.18 -17.34
N PHE B 127 1.93 1.63 -17.98
CA PHE B 127 0.57 1.99 -17.63
C PHE B 127 -0.34 0.80 -17.69
N LEU B 128 -1.35 0.77 -16.84
CA LEU B 128 -2.31 -0.33 -16.85
C LEU B 128 -3.69 0.23 -16.82
N ASN B 129 -4.60 -0.28 -17.66
CA ASN B 129 -6.05 -0.11 -17.38
C ASN B 129 -6.54 -1.33 -16.63
N ARG B 130 -7.50 -1.12 -15.73
CA ARG B 130 -8.15 -2.23 -15.07
C ARG B 130 -8.97 -2.97 -16.11
N GLY B 131 -9.07 -4.30 -15.97
CA GLY B 131 -9.93 -5.11 -16.81
C GLY B 131 -10.88 -5.78 -15.89
N ASN B 132 -11.94 -6.38 -16.43
CA ASN B 132 -12.98 -6.93 -15.57
C ASN B 132 -12.52 -8.01 -14.60
N HIS B 133 -11.40 -8.64 -14.93
CA HIS B 133 -10.81 -9.71 -14.11
C HIS B 133 -9.97 -9.24 -12.94
N GLU B 134 -9.70 -7.93 -12.90
CA GLU B 134 -9.03 -7.31 -11.75
C GLU B 134 -10.08 -6.84 -10.78
N SER B 135 -10.85 -7.83 -10.29
CA SER B 135 -11.97 -7.64 -9.41
C SER B 135 -12.15 -8.89 -8.53
N ASP B 136 -12.73 -8.71 -7.35
CA ASP B 136 -13.04 -9.80 -6.40
C ASP B 136 -13.91 -10.93 -6.92
N ASN B 137 -15.04 -10.57 -7.53
CA ASN B 137 -15.92 -11.58 -8.12
C ASN B 137 -15.24 -12.53 -9.10
N ASN B 139 -11.80 -13.04 -9.61
CA ASN B 139 -10.70 -13.82 -9.01
C ASN B 139 -11.17 -15.04 -8.19
N LYS B 140 -12.28 -14.88 -7.47
CA LYS B 140 -12.84 -15.96 -6.67
C LYS B 140 -13.09 -17.18 -7.56
N ILE B 141 -13.85 -16.94 -8.64
CA ILE B 141 -14.17 -17.91 -9.68
C ILE B 141 -13.00 -18.33 -10.60
N TYR B 142 -12.27 -17.38 -11.16
CA TYR B 142 -11.42 -17.65 -12.35
C TYR B 142 -9.93 -17.99 -12.19
N GLY B 143 -9.47 -18.21 -10.96
CA GLY B 143 -8.10 -18.66 -10.76
C GLY B 143 -7.20 -17.91 -9.79
N PHE B 144 -7.18 -16.57 -9.87
CA PHE B 144 -6.15 -15.77 -9.22
C PHE B 144 -6.15 -15.97 -7.73
N GLU B 145 -7.33 -15.87 -7.12
CA GLU B 145 -7.44 -16.03 -5.69
C GLU B 145 -6.85 -17.34 -5.20
N ASP B 146 -7.16 -18.43 -5.89
CA ASP B 146 -6.62 -19.74 -5.53
C ASP B 146 -5.13 -19.82 -5.71
N GLU B 147 -4.64 -19.27 -6.83
CA GLU B 147 -3.21 -19.23 -7.13
C GLU B 147 -2.45 -18.40 -6.11
N CYS B 148 -3.04 -17.26 -5.76
CA CYS B 148 -2.43 -16.36 -4.80
C CYS B 148 -2.37 -16.96 -3.40
N LYS B 149 -3.49 -17.48 -2.92
CA LYS B 149 -3.54 -18.13 -1.61
C LYS B 149 -2.57 -19.32 -1.52
N TYR B 150 -2.51 -20.12 -2.58
CA TYR B 150 -1.61 -21.27 -2.62
C TYR B 150 -0.15 -20.83 -2.54
N LYS B 151 0.21 -19.85 -3.36
CA LYS B 151 1.61 -19.47 -3.50
C LYS B 151 2.08 -18.55 -2.40
N TYR B 152 1.21 -17.65 -1.95
CA TYR B 152 1.57 -16.67 -0.92
C TYR B 152 0.68 -16.74 0.31
N SER B 153 -0.38 -15.93 0.38
CA SER B 153 -1.36 -16.03 1.47
C SER B 153 -2.65 -15.28 1.18
N GLN B 154 -3.63 -15.43 2.06
CA GLN B 154 -4.87 -14.66 1.98
C GLN B 154 -4.56 -13.14 2.06
N ARG B 155 -3.66 -12.78 2.97
CA ARG B 155 -3.25 -11.37 3.14
C ARG B 155 -2.63 -10.78 1.87
N ILE B 156 -1.75 -11.53 1.24
CA ILE B 156 -1.15 -11.12 -0.03
C ILE B 156 -2.23 -11.00 -1.09
N PHE B 157 -3.21 -11.90 -1.09
CA PHE B 157 -4.27 -11.81 -2.08
C PHE B 157 -5.06 -10.52 -1.89
N ASN B 158 -5.43 -10.25 -0.64
CA ASN B 158 -6.12 -9.02 -0.32
C ASN B 158 -5.35 -7.82 -0.78
N PHE B 160 -3.15 -7.63 -3.38
CA PHE B 160 -3.45 -7.56 -4.81
C PHE B 160 -4.86 -7.00 -5.07
N ALA B 161 -5.85 -7.52 -4.36
CA ALA B 161 -7.22 -7.15 -4.61
C ALA B 161 -7.43 -5.65 -4.36
N GLN B 162 -6.77 -5.13 -3.32
CA GLN B 162 -6.86 -3.69 -3.03
C GLN B 162 -6.19 -2.88 -4.12
N SER B 163 -5.05 -3.39 -4.61
CA SER B 163 -4.28 -2.68 -5.61
C SER B 163 -5.13 -2.54 -6.88
N PHE B 164 -6.03 -3.51 -7.08
CA PHE B 164 -6.83 -3.54 -8.32
C PHE B 164 -7.78 -2.35 -8.34
N GLU B 165 -8.21 -1.91 -7.17
CA GLU B 165 -9.13 -0.79 -7.14
C GLU B 165 -8.47 0.54 -7.55
N SER B 166 -7.15 0.55 -7.63
CA SER B 166 -6.40 1.77 -7.88
C SER B 166 -6.06 1.98 -9.36
N LEU B 167 -6.12 0.89 -10.13
CA LEU B 167 -5.81 0.88 -11.55
C LEU B 167 -6.84 1.78 -12.22
N PRO B 168 -6.37 2.70 -13.09
CA PRO B 168 -7.18 3.55 -13.96
C PRO B 168 -8.14 2.75 -14.84
N LEU B 169 -9.25 3.35 -15.27
CA LEU B 169 -10.26 2.63 -16.04
C LEU B 169 -10.16 2.76 -17.57
N ALA B 170 -9.29 3.68 -18.01
CA ALA B 170 -9.13 4.04 -19.39
C ALA B 170 -7.93 4.94 -19.52
N THR B 171 -7.41 5.01 -20.73
CA THR B 171 -6.20 5.75 -21.03
C THR B 171 -6.37 6.33 -22.39
N LEU B 172 -6.01 7.60 -22.51
CA LEU B 172 -6.18 8.35 -23.72
C LEU B 172 -4.81 8.59 -24.29
N ILE B 173 -4.66 8.42 -25.61
CA ILE B 173 -3.35 8.61 -26.27
C ILE B 173 -3.39 9.65 -27.39
N ASN B 174 -2.45 10.60 -27.31
CA ASN B 174 -2.32 11.65 -28.29
C ASN B 174 -3.63 12.37 -28.62
N ASN B 175 -4.57 12.33 -27.67
CA ASN B 175 -5.90 12.91 -27.86
C ASN B 175 -6.57 12.34 -29.12
N ASP B 176 -6.19 11.11 -29.47
CA ASP B 176 -6.71 10.43 -30.64
C ASP B 176 -7.29 9.06 -30.33
N TYR B 177 -6.75 8.35 -29.36
CA TYR B 177 -7.18 7.00 -29.18
C TYR B 177 -7.60 6.78 -27.73
N LEU B 178 -8.77 6.18 -27.53
CA LEU B 178 -9.26 5.93 -26.22
C LEU B 178 -9.29 4.46 -26.00
N VAL B 179 -8.77 4.07 -24.81
CA VAL B 179 -8.43 2.69 -24.54
C VAL B 179 -8.97 2.29 -23.23
N HIS B 181 -10.58 -1.66 -21.33
CA HIS B 181 -10.61 -3.10 -21.52
C HIS B 181 -11.84 -3.55 -22.32
N GLY B 182 -13.02 -3.13 -21.89
CA GLY B 182 -14.25 -3.57 -22.51
C GLY B 182 -14.75 -2.73 -23.67
N GLY B 183 -15.61 -1.74 -23.40
CA GLY B 183 -16.09 -0.90 -24.50
C GLY B 183 -16.58 0.44 -24.04
N LEU B 184 -17.54 0.98 -24.79
CA LEU B 184 -18.17 2.26 -24.48
C LEU B 184 -19.54 2.10 -23.88
N PRO B 185 -19.97 3.08 -23.05
CA PRO B 185 -21.41 3.24 -22.77
C PRO B 185 -22.24 3.67 -24.00
N SER B 186 -23.51 3.31 -24.00
CA SER B 186 -24.44 3.66 -25.09
C SER B 186 -25.08 5.04 -24.88
N ASP B 187 -24.74 5.67 -23.75
CA ASP B 187 -25.09 7.07 -23.48
C ASP B 187 -24.42 8.03 -24.47
N PRO B 188 -25.23 8.74 -25.28
CA PRO B 188 -24.66 9.72 -26.21
C PRO B 188 -24.13 10.98 -25.51
N SER B 189 -24.47 11.18 -24.24
CA SER B 189 -23.86 12.23 -23.40
C SER B 189 -22.39 11.95 -23.03
N ALA B 190 -22.05 10.68 -22.81
CA ALA B 190 -20.72 10.29 -22.29
C ALA B 190 -19.59 11.08 -22.90
N THR B 191 -18.69 11.60 -22.07
CA THR B 191 -17.50 12.27 -22.57
C THR B 191 -16.27 11.82 -21.80
N LEU B 192 -15.11 12.24 -22.28
CA LEU B 192 -13.85 11.95 -21.64
C LEU B 192 -13.85 12.36 -20.15
N SER B 193 -14.24 13.60 -19.87
CA SER B 193 -14.31 14.11 -18.50
C SER B 193 -15.28 13.31 -17.62
N ASP B 194 -16.33 12.75 -18.21
CA ASP B 194 -17.14 11.75 -17.51
C ASP B 194 -16.28 10.54 -17.05
N PHE B 195 -15.45 10.00 -17.94
CA PHE B 195 -14.60 8.87 -17.55
C PHE B 195 -13.53 9.29 -16.51
N LYS B 196 -12.90 10.43 -16.80
CA LYS B 196 -11.98 11.14 -15.88
C LYS B 196 -12.46 11.22 -14.43
N ASN B 197 -13.73 11.55 -14.23
CA ASN B 197 -14.24 11.84 -12.89
C ASN B 197 -14.81 10.64 -12.15
N ILE B 198 -14.58 9.45 -12.67
CA ILE B 198 -15.16 8.23 -12.09
C ILE B 198 -14.53 7.84 -10.75
N ASP B 199 -15.37 7.55 -9.77
CA ASP B 199 -14.86 7.09 -8.48
C ASP B 199 -14.54 5.60 -8.56
N ARG B 200 -13.31 5.32 -9.00
CA ARG B 200 -12.90 3.97 -9.39
C ARG B 200 -12.45 3.01 -8.28
N PHE B 201 -12.19 3.54 -7.07
CA PHE B 201 -11.57 2.73 -6.01
C PHE B 201 -12.65 1.99 -5.25
N ALA B 202 -13.04 0.85 -5.82
CA ALA B 202 -14.21 0.09 -5.42
C ALA B 202 -14.31 -1.09 -6.39
N GLN B 203 -15.33 -1.92 -6.19
CA GLN B 203 -15.59 -2.97 -7.14
C GLN B 203 -16.46 -2.42 -8.28
N PRO B 204 -16.32 -2.99 -9.51
CA PRO B 204 -17.18 -2.48 -10.57
C PRO B 204 -18.64 -2.62 -10.19
N PRO B 205 -19.45 -1.57 -10.42
CA PRO B 205 -20.90 -1.63 -10.13
C PRO B 205 -21.67 -2.50 -11.11
N ARG B 206 -22.94 -2.76 -10.81
CA ARG B 206 -23.84 -3.55 -11.68
C ARG B 206 -24.11 -2.80 -13.01
N ASP B 207 -24.85 -1.70 -12.98
CA ASP B 207 -24.90 -0.82 -14.15
C ASP B 207 -24.01 0.42 -14.07
N GLY B 208 -23.73 0.94 -15.34
CA GLY B 208 -23.13 2.26 -15.49
C GLY B 208 -21.83 2.27 -16.27
N ALA B 209 -21.35 3.46 -16.61
CA ALA B 209 -20.14 3.60 -17.42
C ALA B 209 -18.90 2.94 -16.83
N PHE B 210 -18.88 2.84 -15.49
CA PHE B 210 -17.79 2.17 -14.81
C PHE B 210 -17.73 0.72 -15.30
N GLU B 212 -19.44 -0.67 -18.00
CA GLU B 212 -19.29 -0.71 -19.47
C GLU B 212 -17.84 -0.52 -19.92
N LEU B 213 -17.03 0.26 -19.20
CA LEU B 213 -15.61 0.48 -19.60
C LEU B 213 -14.84 -0.82 -19.51
N LEU B 214 -15.34 -1.70 -18.66
CA LEU B 214 -14.69 -2.95 -18.32
C LEU B 214 -15.36 -4.19 -18.92
N TRP B 215 -16.70 -4.12 -19.15
CA TRP B 215 -17.53 -5.24 -19.63
C TRP B 215 -18.11 -5.20 -21.08
N ALA B 216 -18.49 -4.03 -21.60
CA ALA B 216 -19.10 -3.89 -22.96
C ALA B 216 -18.29 -4.49 -24.11
N ASP B 217 -18.99 -5.11 -25.09
CA ASP B 217 -18.40 -5.56 -26.38
C ASP B 217 -19.06 -4.82 -27.54
N PRO B 218 -18.28 -4.55 -28.60
CA PRO B 218 -18.78 -4.02 -29.86
C PRO B 218 -19.52 -5.10 -30.63
N GLN B 219 -20.39 -4.65 -31.53
CA GLN B 219 -20.99 -5.48 -32.54
C GLN B 219 -20.87 -4.70 -33.84
N GLU B 220 -21.04 -5.38 -34.96
CA GLU B 220 -21.01 -4.70 -36.26
C GLU B 220 -22.39 -4.14 -36.65
N ALA B 221 -23.48 -4.65 -36.06
CA ALA B 221 -24.81 -4.09 -36.32
C ALA B 221 -24.93 -2.74 -35.66
N ASN B 222 -25.72 -1.83 -36.22
CA ASN B 222 -25.88 -0.52 -35.60
C ASN B 222 -26.71 -0.63 -34.33
N GLY B 223 -26.62 0.39 -33.50
CA GLY B 223 -27.40 0.45 -32.27
C GLY B 223 -26.74 -0.23 -31.07
N GLY B 225 -27.52 -3.34 -27.75
CA GLY B 225 -28.28 -4.50 -27.28
C GLY B 225 -27.51 -5.25 -26.21
N PRO B 226 -28.17 -6.25 -25.57
CA PRO B 226 -27.44 -7.14 -24.66
C PRO B 226 -26.33 -7.88 -25.41
N SER B 227 -25.21 -8.16 -24.74
CA SER B 227 -24.11 -8.83 -25.44
C SER B 227 -24.30 -10.34 -25.41
N GLN B 228 -23.39 -11.10 -26.04
CA GLN B 228 -23.37 -12.57 -25.92
C GLN B 228 -23.27 -13.02 -24.46
N ARG B 229 -22.44 -12.33 -23.70
CA ARG B 229 -22.22 -12.68 -22.30
C ARG B 229 -23.30 -12.06 -21.43
N GLY B 232 -22.25 -6.92 -19.78
CA GLY B 232 -22.93 -5.62 -20.06
C GLY B 232 -23.65 -5.56 -21.40
N HIS B 233 -23.24 -4.64 -22.28
CA HIS B 233 -24.00 -4.40 -23.53
C HIS B 233 -23.17 -4.50 -24.80
N ALA B 234 -23.85 -4.62 -25.93
CA ALA B 234 -23.19 -4.52 -27.25
C ALA B 234 -23.40 -3.09 -27.74
N PHE B 235 -22.41 -2.52 -28.40
CA PHE B 235 -22.53 -1.18 -28.96
C PHE B 235 -22.06 -1.18 -30.42
N GLY B 236 -22.91 -0.65 -31.29
CA GLY B 236 -22.71 -0.68 -32.74
C GLY B 236 -21.75 0.38 -33.27
N PRO B 237 -21.50 0.37 -34.57
CA PRO B 237 -20.52 1.35 -35.08
C PRO B 237 -21.09 2.77 -35.05
N ASP B 238 -22.42 2.89 -35.08
CA ASP B 238 -23.08 4.21 -34.93
C ASP B 238 -22.83 4.82 -33.53
N ILE B 239 -22.79 3.99 -32.49
CA ILE B 239 -22.45 4.48 -31.13
C ILE B 239 -20.99 4.91 -31.03
N THR B 240 -20.10 4.08 -31.53
CA THR B 240 -18.68 4.43 -31.55
C THR B 240 -18.47 5.76 -32.28
N ASP B 241 -18.95 5.85 -33.53
CA ASP B 241 -18.74 7.01 -34.39
C ASP B 241 -19.21 8.27 -33.66
N ARG B 242 -20.46 8.26 -33.21
CA ARG B 242 -21.00 9.36 -32.45
C ARG B 242 -20.03 9.75 -31.32
N PHE B 243 -19.53 8.77 -30.57
CA PHE B 243 -18.67 9.08 -29.43
C PHE B 243 -17.37 9.72 -29.86
N LEU B 244 -16.77 9.13 -30.89
CA LEU B 244 -15.49 9.63 -31.41
C LEU B 244 -15.55 11.10 -31.91
N ARG B 245 -16.56 11.44 -32.71
CA ARG B 245 -16.68 12.79 -33.25
C ARG B 245 -17.08 13.81 -32.18
N ASN B 246 -17.97 13.41 -31.28
CA ASN B 246 -18.33 14.21 -30.11
C ASN B 246 -17.10 14.56 -29.25
N ASN B 247 -16.15 13.62 -29.19
CA ASN B 247 -14.99 13.76 -28.32
C ASN B 247 -13.69 14.01 -29.05
N LYS B 248 -13.77 14.34 -30.34
CA LYS B 248 -12.58 14.70 -31.12
C LYS B 248 -11.49 13.63 -31.10
N LEU B 249 -11.90 12.37 -31.22
CA LEU B 249 -10.99 11.24 -31.23
C LEU B 249 -10.85 10.62 -32.64
N ARG B 250 -9.85 9.76 -32.85
CA ARG B 250 -9.77 8.98 -34.08
C ARG B 250 -10.41 7.59 -33.97
N LYS B 251 -10.02 6.82 -32.93
CA LYS B 251 -10.45 5.41 -32.79
C LYS B 251 -10.59 5.03 -31.36
N ILE B 252 -11.34 3.94 -31.12
CA ILE B 252 -11.29 3.18 -29.87
C ILE B 252 -10.34 1.98 -30.00
N PHE B 253 -9.51 1.75 -28.98
CA PHE B 253 -8.80 0.48 -28.83
C PHE B 253 -9.31 -0.17 -27.59
N ARG B 254 -9.64 -1.44 -27.66
CA ARG B 254 -10.10 -2.12 -26.48
C ARG B 254 -9.60 -3.55 -26.60
N SER B 255 -9.98 -4.41 -25.65
CA SER B 255 -9.50 -5.79 -25.57
C SER B 255 -10.69 -6.69 -25.19
N HIS B 256 -10.58 -7.47 -24.13
CA HIS B 256 -11.73 -8.19 -23.54
C HIS B 256 -12.32 -9.31 -24.39
N GLU B 257 -11.96 -9.33 -25.67
CA GLU B 257 -12.33 -10.45 -26.54
C GLU B 257 -11.15 -11.01 -27.30
N LEU B 258 -11.11 -12.33 -27.35
CA LEU B 258 -10.17 -13.07 -28.18
C LEU B 258 -10.30 -12.75 -29.67
N ARG B 259 -9.15 -12.58 -30.32
CA ARG B 259 -9.08 -12.42 -31.76
C ARG B 259 -8.01 -13.34 -32.26
N GLY B 261 -6.35 -13.33 -34.76
CA GLY B 261 -5.23 -12.62 -35.40
C GLY B 261 -4.62 -11.56 -34.54
N GLY B 262 -4.85 -11.68 -33.22
CA GLY B 262 -4.18 -10.88 -32.20
C GLY B 262 -4.70 -9.47 -32.09
N VAL B 263 -4.76 -8.76 -33.20
CA VAL B 263 -5.53 -7.56 -33.24
C VAL B 263 -6.48 -7.54 -34.46
N GLN B 264 -7.66 -7.00 -34.24
CA GLN B 264 -8.67 -6.96 -35.29
C GLN B 264 -9.16 -5.54 -35.54
N PHE B 265 -9.28 -5.21 -36.81
CA PHE B 265 -9.80 -3.93 -37.27
C PHE B 265 -11.31 -4.09 -37.41
N GLU B 266 -12.06 -3.27 -36.69
CA GLU B 266 -13.49 -3.45 -36.55
C GLU B 266 -14.29 -2.17 -36.75
N GLN B 267 -15.60 -2.34 -36.87
CA GLN B 267 -16.52 -1.22 -37.00
C GLN B 267 -16.00 -0.19 -38.07
N LYS B 268 -15.62 -0.69 -39.24
CA LYS B 268 -15.24 0.14 -40.37
C LYS B 268 -14.09 1.04 -39.98
N GLY B 269 -13.16 0.50 -39.20
CA GLY B 269 -12.03 1.26 -38.73
C GLY B 269 -12.15 2.09 -37.47
N LYS B 270 -13.38 2.31 -36.96
CA LYS B 270 -13.60 3.15 -35.77
C LYS B 270 -13.08 2.50 -34.49
N LEU B 271 -12.85 1.18 -34.58
CA LEU B 271 -12.49 0.39 -33.39
C LEU B 271 -11.47 -0.70 -33.71
N THR B 273 -9.69 -4.18 -31.64
CA THR B 273 -9.46 -5.07 -30.51
C THR B 273 -8.03 -5.57 -30.57
N VAL B 274 -7.30 -5.37 -29.47
CA VAL B 274 -6.00 -6.02 -29.25
C VAL B 274 -6.06 -6.97 -28.08
N PHE B 275 -5.60 -8.19 -28.33
CA PHE B 275 -5.67 -9.29 -27.38
C PHE B 275 -4.27 -9.97 -27.35
N SER B 276 -3.65 -10.08 -26.19
CA SER B 276 -2.22 -10.44 -26.13
C SER B 276 -2.00 -11.68 -25.28
N ALA B 277 -2.93 -12.62 -25.38
CA ALA B 277 -2.79 -13.90 -24.73
C ALA B 277 -2.83 -14.99 -25.79
N PRO B 278 -1.65 -15.31 -26.38
CA PRO B 278 -1.56 -16.24 -27.51
C PRO B 278 -1.79 -17.70 -27.07
N ASN B 279 -2.32 -18.52 -27.99
CA ASN B 279 -2.77 -19.87 -27.69
C ASN B 279 -3.52 -19.96 -26.35
N TYR B 280 -4.50 -19.06 -26.21
CA TYR B 280 -5.34 -18.93 -25.02
C TYR B 280 -5.82 -20.26 -24.46
N CYS B 281 -5.78 -20.39 -23.13
CA CYS B 281 -6.17 -21.62 -22.43
C CYS B 281 -5.50 -22.90 -22.97
N ASP B 282 -4.25 -22.75 -23.45
CA ASP B 282 -3.49 -23.83 -24.10
C ASP B 282 -4.29 -24.48 -25.22
N SER B 283 -5.20 -23.70 -25.81
CA SER B 283 -6.27 -24.27 -26.65
C SER B 283 -6.57 -23.55 -27.98
N GLN B 284 -6.69 -22.22 -27.95
CA GLN B 284 -7.20 -21.48 -29.10
C GLN B 284 -6.25 -21.35 -30.30
N GLY B 285 -4.96 -21.60 -30.09
CA GLY B 285 -3.97 -21.41 -31.15
C GLY B 285 -4.00 -20.04 -31.80
N ASN B 286 -4.58 -19.05 -31.12
CA ASN B 286 -4.60 -17.66 -31.60
C ASN B 286 -3.27 -16.92 -31.45
N LEU B 287 -3.09 -15.86 -32.23
CA LEU B 287 -1.97 -14.94 -32.08
C LEU B 287 -2.29 -13.93 -30.98
N GLY B 288 -1.24 -13.35 -30.40
CA GLY B 288 -1.42 -12.18 -29.53
C GLY B 288 -1.07 -10.98 -30.38
N GLY B 289 -1.50 -9.80 -29.95
CA GLY B 289 -1.34 -8.59 -30.73
C GLY B 289 -0.72 -7.40 -30.00
N VAL B 290 -0.28 -6.41 -30.77
CA VAL B 290 0.16 -5.14 -30.17
C VAL B 290 -0.07 -4.00 -31.14
N ILE B 291 -0.26 -2.78 -30.63
CA ILE B 291 -0.58 -1.64 -31.48
C ILE B 291 0.45 -0.59 -31.10
N HIS B 292 1.49 -0.41 -31.92
CA HIS B 292 2.39 0.69 -31.66
C HIS B 292 1.73 1.99 -32.12
N VAL B 293 1.52 2.94 -31.22
CA VAL B 293 1.33 4.29 -31.74
C VAL B 293 2.67 4.98 -31.86
N VAL B 294 2.98 5.37 -33.09
CA VAL B 294 4.23 6.07 -33.46
C VAL B 294 3.85 7.09 -34.52
N PRO B 295 3.69 8.37 -34.12
CA PRO B 295 3.13 9.36 -34.99
C PRO B 295 3.90 9.58 -36.28
N GLY B 296 3.18 9.44 -37.40
CA GLY B 296 3.72 9.62 -38.73
C GLY B 296 4.65 8.51 -39.22
N HIS B 297 4.85 7.46 -38.41
CA HIS B 297 5.63 6.32 -38.88
C HIS B 297 4.76 5.07 -38.93
N GLY B 298 3.48 5.26 -39.14
CA GLY B 298 2.53 4.14 -39.17
C GLY B 298 2.81 3.28 -40.41
N ILE B 299 2.32 2.03 -40.37
CA ILE B 299 2.39 1.15 -41.53
C ILE B 299 0.98 0.73 -41.86
N LEU B 300 0.49 1.27 -42.97
CA LEU B 300 -0.84 1.04 -43.48
C LEU B 300 -0.94 -0.34 -44.11
N GLN B 301 -2.09 -0.96 -43.91
CA GLN B 301 -2.45 -2.15 -44.66
C GLN B 301 -3.93 -2.10 -45.00
N ALA B 302 -4.29 -2.41 -46.24
CA ALA B 302 -5.69 -2.54 -46.57
C ALA B 302 -6.30 -3.60 -45.66
N GLY B 303 -7.41 -3.23 -45.02
CA GLY B 303 -8.15 -4.13 -44.13
C GLY B 303 -7.64 -4.35 -42.71
N ARG B 304 -6.47 -3.82 -42.36
CA ARG B 304 -5.91 -3.97 -41.00
C ARG B 304 -5.57 -2.64 -40.28
N ASN B 305 -5.07 -1.64 -41.02
CA ASN B 305 -4.74 -0.33 -40.44
C ASN B 305 -4.87 0.78 -41.49
N ASP B 306 -5.69 1.78 -41.19
CA ASP B 306 -5.93 2.91 -42.08
C ASP B 306 -5.32 4.20 -41.53
N ASP B 307 -4.53 4.06 -40.46
CA ASP B 307 -3.98 5.19 -39.77
C ASP B 307 -2.46 5.25 -39.89
N GLN B 308 -1.96 6.39 -40.33
CA GLN B 308 -0.52 6.63 -40.49
C GLN B 308 0.27 6.81 -39.18
N ASN B 309 -0.39 6.65 -38.02
CA ASN B 309 0.30 6.73 -36.71
C ASN B 309 0.48 5.36 -36.03
N LEU B 310 -0.08 4.35 -36.66
CA LEU B 310 -0.27 3.02 -36.06
C LEU B 310 0.57 1.95 -36.82
N ILE B 311 1.30 1.13 -36.05
CA ILE B 311 1.83 -0.19 -36.47
C ILE B 311 1.15 -1.36 -35.68
N ILE B 312 0.54 -2.29 -36.41
CA ILE B 312 -0.11 -3.47 -35.82
C ILE B 312 0.88 -4.61 -35.98
N GLU B 313 1.38 -5.20 -34.89
CA GLU B 313 2.16 -6.42 -35.02
C GLU B 313 1.47 -7.56 -34.27
N THR B 314 1.97 -8.77 -34.50
CA THR B 314 1.38 -9.94 -33.83
C THR B 314 2.50 -10.83 -33.37
N PHE B 315 2.18 -11.74 -32.47
CA PHE B 315 3.18 -12.65 -31.91
C PHE B 315 2.57 -14.02 -31.60
N GLU B 316 3.39 -15.06 -31.76
CA GLU B 316 2.97 -16.44 -31.52
C GLU B 316 3.21 -16.91 -30.08
N ALA B 317 2.45 -17.91 -29.65
CA ALA B 317 2.64 -18.51 -28.33
C ALA B 317 3.99 -19.20 -28.21
N VAL B 318 4.44 -19.35 -26.98
CA VAL B 318 5.74 -19.91 -26.68
C VAL B 318 5.54 -21.09 -25.71
N GLU B 319 6.55 -21.95 -25.56
CA GLU B 319 6.46 -23.08 -24.62
C GLU B 319 6.46 -22.64 -23.16
N HIS B 320 5.76 -23.39 -22.32
CA HIS B 320 5.72 -23.10 -20.87
C HIS B 320 5.69 -24.41 -20.06
N PRO B 321 6.17 -24.37 -18.79
CA PRO B 321 6.32 -25.60 -17.99
C PRO B 321 5.05 -26.47 -17.88
N ASP B 322 5.25 -27.75 -17.61
CA ASP B 322 4.18 -28.75 -17.57
C ASP B 322 3.16 -28.43 -16.47
N ILE B 323 2.40 -27.37 -16.68
CA ILE B 323 1.40 -26.92 -15.73
C ILE B 323 0.09 -26.59 -16.51
N LYS B 324 -1.05 -27.06 -16.00
CA LYS B 324 -2.36 -26.80 -16.61
C LYS B 324 -2.73 -25.30 -16.53
N PRO B 325 -3.82 -24.83 -17.22
CA PRO B 325 -4.34 -23.50 -16.82
C PRO B 325 -5.18 -23.63 -15.53
N ALA B 327 -4.22 -24.12 -12.63
CA ALA B 327 -3.71 -25.29 -11.88
C ALA B 327 -3.92 -25.21 -10.35
N TYR B 328 -4.62 -24.17 -9.89
CA TYR B 328 -4.83 -23.93 -8.45
C TYR B 328 -6.31 -23.75 -8.11
#